data_9HCX
#
_entry.id   9HCX
#
_cell.length_a   51.657
_cell.length_b   51.657
_cell.length_c   146.620
_cell.angle_alpha   90.00
_cell.angle_beta   90.00
_cell.angle_gamma   90.00
#
_symmetry.space_group_name_H-M   'P 41 21 2'
#
loop_
_entity.id
_entity.type
_entity.pdbx_description
1 polymer 'Telomeric repeat-binding factor 1'
2 non-polymer 1-(3,4,5-trimethoxyphenyl)methanamine
3 non-polymer 1,2-ETHANEDIOL
4 non-polymer 'DIMETHYL SULFOXIDE'
5 non-polymer 'CALCIUM ION'
6 water water
#
_entity_poly.entity_id   1
_entity_poly.type   'polypeptide(L)'
_entity_poly.pdbx_seq_one_letter_code
;SNAQVQVGAPEEEEEEEEDAGLVAEAEAVAAGWMLDFLCLSLCRAFRDGRSEDFRRTRNSAEAIIHGLSSLTACQLRTIY
ICQFLTRIAAGKTLDAQFENDERITPLESALMIWGSIEKEHDKLHEEIQNLIKIQAIAVCMENGNFKEAEEVFERIFGDP
NSHMPFKSKLLMIISQKDTFHSFFQHFSYNHMMEKIKSYVNYVLSEKSSTFLMKAAAKVVESKR
;
_entity_poly.pdbx_strand_id   A
#
loop_
_chem_comp.id
_chem_comp.type
_chem_comp.name
_chem_comp.formula
CA non-polymer 'CALCIUM ION' 'Ca 2'
DMS non-polymer 'DIMETHYL SULFOXIDE' 'C2 H6 O S'
EDO non-polymer 1,2-ETHANEDIOL 'C2 H6 O2'
W0S non-polymer 1-(3,4,5-trimethoxyphenyl)methanamine 'C10 H15 N O3'
#
# COMPACT_ATOMS: atom_id res chain seq x y z
N GLU A 16 -33.34 -24.74 12.54
CA GLU A 16 -32.09 -25.25 11.97
C GLU A 16 -31.63 -24.39 10.79
N GLU A 17 -32.56 -23.98 9.93
CA GLU A 17 -32.24 -23.15 8.77
C GLU A 17 -31.96 -21.71 9.21
N GLU A 18 -32.73 -21.21 10.19
CA GLU A 18 -32.53 -19.88 10.76
C GLU A 18 -31.19 -19.84 11.50
N ASP A 19 -30.86 -20.91 12.25
CA ASP A 19 -29.62 -21.04 13.00
C ASP A 19 -28.41 -20.90 12.08
N ALA A 20 -28.40 -21.64 10.95
CA ALA A 20 -27.30 -21.57 9.98
C ALA A 20 -27.17 -20.15 9.40
N GLY A 21 -28.30 -19.51 9.13
CA GLY A 21 -28.35 -18.15 8.61
C GLY A 21 -27.72 -17.17 9.58
N LEU A 22 -28.11 -17.22 10.86
CA LEU A 22 -27.59 -16.34 11.91
C LEU A 22 -26.11 -16.57 12.14
N VAL A 23 -25.68 -17.84 12.12
CA VAL A 23 -24.29 -18.17 12.27
C VAL A 23 -23.46 -17.59 11.11
N ALA A 24 -23.93 -17.70 9.83
CA ALA A 24 -23.16 -17.13 8.71
C ALA A 24 -23.03 -15.63 8.82
N GLU A 25 -24.12 -14.97 9.28
CA GLU A 25 -24.07 -13.51 9.45
C GLU A 25 -23.07 -13.14 10.54
N ALA A 26 -23.05 -13.90 11.63
CA ALA A 26 -22.11 -13.65 12.73
C ALA A 26 -20.68 -13.88 12.24
N GLU A 27 -20.43 -14.93 11.41
CA GLU A 27 -19.10 -15.11 10.84
C GLU A 27 -18.69 -13.92 9.97
N ALA A 28 -19.64 -13.32 9.21
CA ALA A 28 -19.30 -12.16 8.37
C ALA A 28 -18.96 -10.94 9.23
N VAL A 29 -19.67 -10.76 10.36
CA VAL A 29 -19.37 -9.66 11.30
C VAL A 29 -17.95 -9.85 11.86
N ALA A 30 -17.64 -11.06 12.35
CA ALA A 30 -16.32 -11.33 12.92
C ALA A 30 -15.22 -11.18 11.86
N ALA A 31 -15.48 -11.61 10.61
CA ALA A 31 -14.49 -11.44 9.54
C ALA A 31 -14.19 -9.95 9.28
N GLY A 32 -15.21 -9.09 9.33
CA GLY A 32 -15.01 -7.65 9.18
C GLY A 32 -14.15 -7.10 10.32
N TRP A 33 -14.41 -7.55 11.54
CA TRP A 33 -13.62 -7.11 12.69
C TRP A 33 -12.15 -7.60 12.53
N MET A 34 -11.96 -8.81 12.00
CA MET A 34 -10.61 -9.34 11.80
C MET A 34 -9.87 -8.56 10.72
N LEU A 35 -10.59 -8.19 9.65
CA LEU A 35 -9.99 -7.40 8.58
C LEU A 35 -9.45 -6.04 9.12
N ASP A 36 -10.28 -5.29 9.86
CA ASP A 36 -9.84 -4.00 10.43
C ASP A 36 -8.64 -4.16 11.37
N PHE A 37 -8.66 -5.20 12.24
CA PHE A 37 -7.54 -5.42 13.17
C PHE A 37 -6.26 -5.74 12.38
N LEU A 38 -6.36 -6.61 11.38
CA LEU A 38 -5.19 -6.99 10.59
C LEU A 38 -4.66 -5.82 9.79
N CYS A 39 -5.55 -4.94 9.31
CA CYS A 39 -5.11 -3.74 8.58
C CYS A 39 -4.32 -2.85 9.58
N LEU A 40 -4.86 -2.66 10.79
CA LEU A 40 -4.14 -1.88 11.81
C LEU A 40 -2.73 -2.45 12.11
N SER A 41 -2.68 -3.79 12.26
CA SER A 41 -1.41 -4.45 12.55
CA SER A 41 -1.42 -4.45 12.55
C SER A 41 -0.45 -4.33 11.38
N LEU A 42 -0.96 -4.42 10.15
CA LEU A 42 -0.16 -4.32 8.92
C LEU A 42 0.42 -2.90 8.83
N CYS A 43 -0.41 -1.89 9.10
CA CYS A 43 0.00 -0.48 9.07
C CYS A 43 1.12 -0.25 10.07
N ARG A 44 0.95 -0.79 11.27
CA ARG A 44 1.95 -0.60 12.32
C ARG A 44 3.25 -1.30 11.97
N ALA A 45 3.20 -2.52 11.38
CA ALA A 45 4.45 -3.21 11.01
C ALA A 45 5.16 -2.42 9.90
N PHE A 46 4.39 -1.87 8.95
CA PHE A 46 4.94 -1.05 7.87
C PHE A 46 5.61 0.19 8.44
N ARG A 47 4.91 0.92 9.31
CA ARG A 47 5.44 2.16 9.92
C ARG A 47 6.72 1.86 10.73
N ASP A 48 6.73 0.74 11.46
CA ASP A 48 7.91 0.38 12.29
C ASP A 48 9.06 -0.29 11.54
N GLY A 49 8.84 -0.70 10.30
CA GLY A 49 9.83 -1.42 9.50
C GLY A 49 10.05 -2.85 10.01
N ARG A 50 9.01 -3.46 10.58
CA ARG A 50 9.08 -4.85 11.10
C ARG A 50 8.68 -5.73 9.93
N SER A 51 9.67 -6.04 9.10
CA SER A 51 9.49 -6.76 7.85
CA SER A 51 9.47 -6.76 7.85
C SER A 51 8.82 -8.12 7.99
N GLU A 52 9.25 -8.90 8.97
CA GLU A 52 8.73 -10.24 9.16
C GLU A 52 7.33 -10.22 9.69
N ASP A 53 7.05 -9.33 10.67
CA ASP A 53 5.69 -9.17 11.16
C ASP A 53 4.79 -8.70 10.00
N PHE A 54 5.32 -7.83 9.10
CA PHE A 54 4.52 -7.35 7.96
C PHE A 54 4.19 -8.55 7.05
N ARG A 55 5.19 -9.41 6.77
CA ARG A 55 4.95 -10.60 5.94
C ARG A 55 3.86 -11.51 6.55
N ARG A 56 3.99 -11.82 7.83
CA ARG A 56 3.05 -12.75 8.47
C ARG A 56 1.63 -12.11 8.55
N THR A 57 1.55 -10.81 8.88
CA THR A 57 0.26 -10.12 8.94
C THR A 57 -0.40 -10.02 7.59
N ARG A 58 0.42 -9.78 6.55
CA ARG A 58 -0.08 -9.71 5.19
C ARG A 58 -0.70 -11.06 4.78
N ASN A 59 -0.05 -12.17 5.15
CA ASN A 59 -0.56 -13.52 4.84
C ASN A 59 -1.92 -13.72 5.54
N SER A 60 -2.03 -13.29 6.82
CA SER A 60 -3.31 -13.39 7.57
C SER A 60 -4.41 -12.53 6.94
N ALA A 61 -4.07 -11.31 6.56
CA ALA A 61 -5.00 -10.40 5.90
C ALA A 61 -5.49 -10.98 4.58
N GLU A 62 -4.58 -11.54 3.77
CA GLU A 62 -5.00 -12.11 2.47
C GLU A 62 -5.99 -13.27 2.70
N ALA A 63 -5.68 -14.12 3.66
CA ALA A 63 -6.52 -15.27 3.92
C ALA A 63 -7.92 -14.82 4.42
N ILE A 64 -7.99 -13.86 5.33
CA ILE A 64 -9.28 -13.35 5.83
C ILE A 64 -10.05 -12.71 4.66
N ILE A 65 -9.36 -11.97 3.77
CA ILE A 65 -10.04 -11.32 2.64
C ILE A 65 -10.61 -12.37 1.67
N HIS A 66 -9.89 -13.48 1.47
CA HIS A 66 -10.38 -14.56 0.58
C HIS A 66 -11.69 -15.19 1.14
N GLY A 67 -11.86 -15.15 2.46
CA GLY A 67 -13.06 -15.64 3.13
C GLY A 67 -14.21 -14.65 3.17
N LEU A 68 -14.01 -13.43 2.62
CA LEU A 68 -15.08 -12.43 2.54
C LEU A 68 -15.77 -12.52 1.20
N SER A 69 -17.03 -12.12 1.15
CA SER A 69 -17.77 -12.10 -0.10
C SER A 69 -17.93 -10.64 -0.57
N SER A 70 -19.15 -10.10 -0.53
CA SER A 70 -19.45 -8.74 -0.90
C SER A 70 -18.88 -7.82 0.16
N LEU A 71 -18.44 -6.65 -0.23
CA LEU A 71 -17.77 -5.74 0.70
C LEU A 71 -18.54 -4.46 0.87
N THR A 72 -18.42 -3.84 2.04
CA THR A 72 -18.97 -2.50 2.23
C THR A 72 -17.92 -1.51 1.65
N ALA A 73 -18.29 -0.23 1.45
CA ALA A 73 -17.35 0.79 0.96
C ALA A 73 -16.12 0.88 1.90
N CYS A 74 -16.39 0.84 3.20
CA CYS A 74 -15.35 0.88 4.24
CA CYS A 74 -15.30 0.91 4.18
C CYS A 74 -14.37 -0.30 4.07
N GLN A 75 -14.92 -1.52 3.88
CA GLN A 75 -14.09 -2.72 3.74
C GLN A 75 -13.28 -2.69 2.46
N LEU A 76 -13.84 -2.15 1.37
CA LEU A 76 -13.07 -2.02 0.13
C LEU A 76 -11.89 -1.08 0.36
N ARG A 77 -12.12 0.04 1.08
CA ARG A 77 -11.03 1.00 1.35
C ARG A 77 -9.95 0.33 2.21
N THR A 78 -10.36 -0.47 3.20
CA THR A 78 -9.41 -1.18 4.05
C THR A 78 -8.59 -2.16 3.24
N ILE A 79 -9.23 -2.90 2.33
CA ILE A 79 -8.52 -3.85 1.50
C ILE A 79 -7.52 -3.12 0.60
N TYR A 80 -7.95 -1.99 0.00
CA TYR A 80 -7.05 -1.22 -0.86
C TYR A 80 -5.84 -0.73 -0.07
N ILE A 81 -6.03 -0.30 1.18
CA ILE A 81 -4.89 0.14 2.00
C ILE A 81 -3.93 -1.00 2.21
N CYS A 82 -4.45 -2.19 2.52
CA CYS A 82 -3.58 -3.38 2.70
C CYS A 82 -2.83 -3.70 1.39
N GLN A 83 -3.56 -3.71 0.26
CA GLN A 83 -2.94 -4.00 -1.02
C GLN A 83 -1.88 -2.93 -1.38
N PHE A 84 -2.20 -1.66 -1.10
CA PHE A 84 -1.28 -0.57 -1.42
C PHE A 84 0.05 -0.76 -0.66
N LEU A 85 -0.05 -1.02 0.65
CA LEU A 85 1.18 -1.20 1.44
C LEU A 85 1.96 -2.42 1.00
N THR A 86 1.26 -3.49 0.63
CA THR A 86 1.94 -4.71 0.15
C THR A 86 2.76 -4.42 -1.09
N ARG A 87 2.22 -3.60 -2.02
CA ARG A 87 2.92 -3.26 -3.25
C ARG A 87 4.07 -2.34 -2.99
N ILE A 88 3.89 -1.36 -2.09
CA ILE A 88 4.97 -0.44 -1.73
C ILE A 88 6.12 -1.22 -1.09
N ALA A 89 5.77 -2.16 -0.21
CA ALA A 89 6.80 -3.02 0.41
C ALA A 89 7.58 -3.83 -0.64
N ALA A 90 6.90 -4.25 -1.69
CA ALA A 90 7.49 -5.00 -2.80
C ALA A 90 7.98 -4.11 -3.94
N GLY A 91 8.05 -2.79 -3.72
CA GLY A 91 8.39 -1.83 -4.78
C GLY A 91 9.71 -2.09 -5.50
N LYS A 92 10.70 -2.64 -4.81
CA LYS A 92 11.98 -2.98 -5.44
C LYS A 92 12.05 -4.47 -5.92
N THR A 93 10.98 -5.24 -5.71
CA THR A 93 10.91 -6.65 -6.11
C THR A 93 10.31 -6.69 -7.52
N LEU A 94 11.11 -6.38 -8.55
CA LEU A 94 10.63 -6.33 -9.94
C LEU A 94 10.15 -7.68 -10.50
N ASP A 95 10.45 -8.78 -9.78
CA ASP A 95 9.99 -10.14 -10.10
C ASP A 95 8.56 -10.39 -9.58
N ALA A 96 8.01 -9.51 -8.71
CA ALA A 96 6.66 -9.72 -8.17
C ALA A 96 5.59 -9.28 -9.18
N GLN A 97 4.62 -10.14 -9.44
CA GLN A 97 3.55 -9.85 -10.38
C GLN A 97 2.25 -9.62 -9.62
N PHE A 98 1.79 -8.37 -9.52
CA PHE A 98 0.56 -8.08 -8.78
C PHE A 98 -0.67 -7.98 -9.65
N GLU A 99 -0.50 -7.87 -10.98
CA GLU A 99 -1.63 -7.73 -11.87
C GLU A 99 -1.68 -8.89 -12.87
N ASN A 100 -2.85 -9.08 -13.50
CA ASN A 100 -2.99 -10.10 -14.56
C ASN A 100 -2.04 -9.77 -15.72
N ASP A 101 -1.89 -8.46 -16.03
CA ASP A 101 -0.95 -7.99 -17.04
C ASP A 101 0.42 -8.09 -16.38
N GLU A 102 1.22 -9.06 -16.80
CA GLU A 102 2.56 -9.31 -16.26
C GLU A 102 3.56 -8.17 -16.41
N ARG A 103 3.26 -7.16 -17.24
CA ARG A 103 4.17 -6.03 -17.45
C ARG A 103 4.13 -5.03 -16.29
N ILE A 104 3.01 -4.98 -15.56
CA ILE A 104 2.79 -3.97 -14.53
C ILE A 104 3.69 -4.19 -13.33
N THR A 105 4.54 -3.21 -13.04
CA THR A 105 5.46 -3.30 -11.91
C THR A 105 4.75 -3.03 -10.58
N PRO A 106 5.32 -3.50 -9.46
CA PRO A 106 4.69 -3.28 -8.14
C PRO A 106 4.37 -1.81 -7.83
N LEU A 107 5.28 -0.88 -8.12
CA LEU A 107 4.99 0.54 -7.88
C LEU A 107 3.87 1.07 -8.80
N GLU A 108 3.79 0.55 -10.03
CA GLU A 108 2.67 0.94 -10.93
C GLU A 108 1.35 0.40 -10.37
N SER A 109 1.35 -0.81 -9.81
CA SER A 109 0.14 -1.39 -9.21
C SER A 109 -0.24 -0.55 -7.97
N ALA A 110 0.75 -0.12 -7.15
CA ALA A 110 0.47 0.74 -5.99
C ALA A 110 -0.15 2.05 -6.45
N LEU A 111 0.36 2.64 -7.56
CA LEU A 111 -0.18 3.90 -8.10
C LEU A 111 -1.66 3.79 -8.52
N MET A 112 -2.00 2.64 -9.16
CA MET A 112 -3.37 2.37 -9.60
C MET A 112 -4.29 2.31 -8.39
N ILE A 113 -3.88 1.62 -7.30
CA ILE A 113 -4.71 1.55 -6.10
C ILE A 113 -4.81 2.91 -5.45
N TRP A 114 -3.70 3.66 -5.41
CA TRP A 114 -3.69 5.00 -4.78
C TRP A 114 -4.72 5.93 -5.42
N GLY A 115 -4.86 5.84 -6.75
CA GLY A 115 -5.81 6.63 -7.52
C GLY A 115 -7.25 6.10 -7.44
N SER A 116 -7.46 4.94 -6.81
CA SER A 116 -8.78 4.28 -6.71
C SER A 116 -9.42 4.42 -5.35
N ILE A 117 -8.61 4.59 -4.29
CA ILE A 117 -9.11 4.70 -2.92
C ILE A 117 -9.99 5.93 -2.76
N GLU A 118 -11.15 5.76 -2.10
CA GLU A 118 -12.06 6.87 -1.82
C GLU A 118 -11.47 7.59 -0.62
N LYS A 119 -10.64 8.57 -0.92
CA LYS A 119 -9.96 9.33 0.09
C LYS A 119 -9.77 10.76 -0.42
N GLU A 120 -9.50 11.64 0.52
CA GLU A 120 -9.27 13.04 0.23
C GLU A 120 -7.98 13.21 -0.60
N HIS A 121 -8.01 14.09 -1.61
CA HIS A 121 -6.85 14.36 -2.43
C HIS A 121 -6.19 15.67 -1.92
N ASP A 122 -5.66 15.58 -0.72
CA ASP A 122 -4.95 16.70 -0.10
C ASP A 122 -3.53 16.79 -0.72
N LYS A 123 -2.69 17.75 -0.26
CA LYS A 123 -1.34 17.92 -0.83
C LYS A 123 -0.53 16.62 -0.62
N LEU A 124 -0.67 15.98 0.56
CA LEU A 124 0.05 14.73 0.86
C LEU A 124 -0.30 13.65 -0.18
N HIS A 125 -1.58 13.56 -0.58
CA HIS A 125 -1.99 12.58 -1.59
C HIS A 125 -1.19 12.76 -2.89
N GLU A 126 -1.13 14.02 -3.37
CA GLU A 126 -0.42 14.28 -4.62
C GLU A 126 1.08 14.09 -4.50
N GLU A 127 1.67 14.46 -3.36
CA GLU A 127 3.10 14.24 -3.15
C GLU A 127 3.44 12.76 -3.15
N ILE A 128 2.59 11.91 -2.51
CA ILE A 128 2.84 10.47 -2.52
C ILE A 128 2.69 9.94 -3.95
N GLN A 129 1.62 10.37 -4.63
CA GLN A 129 1.40 10.01 -6.04
C GLN A 129 2.63 10.31 -6.91
N ASN A 130 3.17 11.53 -6.82
CA ASN A 130 4.32 11.90 -7.65
C ASN A 130 5.58 11.19 -7.27
N LEU A 131 5.78 10.94 -5.98
CA LEU A 131 6.95 10.16 -5.56
C LEU A 131 6.87 8.71 -6.08
N ILE A 132 5.69 8.09 -6.08
CA ILE A 132 5.55 6.71 -6.62
C ILE A 132 5.83 6.75 -8.13
N LYS A 133 5.33 7.75 -8.85
CA LYS A 133 5.59 7.82 -10.31
C LYS A 133 7.11 7.89 -10.60
N ILE A 134 7.82 8.75 -9.87
CA ILE A 134 9.26 8.90 -10.06
C ILE A 134 9.99 7.60 -9.69
N GLN A 135 9.65 7.03 -8.53
CA GLN A 135 10.34 5.83 -8.09
C GLN A 135 10.02 4.63 -8.95
N ALA A 136 8.84 4.59 -9.59
CA ALA A 136 8.49 3.49 -10.49
C ALA A 136 9.51 3.42 -11.64
N ILE A 137 9.97 4.58 -12.12
CA ILE A 137 11.04 4.65 -13.11
C ILE A 137 12.40 4.39 -12.43
N ALA A 138 12.71 5.09 -11.33
CA ALA A 138 14.00 4.94 -10.63
C ALA A 138 14.37 3.50 -10.32
N VAL A 139 13.40 2.69 -9.85
CA VAL A 139 13.71 1.31 -9.47
C VAL A 139 14.13 0.48 -10.70
N CYS A 140 13.58 0.78 -11.87
CA CYS A 140 13.95 0.07 -13.09
C CYS A 140 15.36 0.47 -13.49
N MET A 141 15.67 1.78 -13.43
CA MET A 141 16.99 2.30 -13.80
CA MET A 141 17.00 2.25 -13.80
C MET A 141 18.08 1.71 -12.89
N GLU A 142 17.83 1.66 -11.58
CA GLU A 142 18.80 1.13 -10.63
C GLU A 142 19.14 -0.34 -10.87
N ASN A 143 18.20 -1.08 -11.45
CA ASN A 143 18.42 -2.48 -11.81
C ASN A 143 19.06 -2.69 -13.21
N GLY A 144 19.32 -1.62 -13.94
CA GLY A 144 19.82 -1.72 -15.30
C GLY A 144 18.75 -2.07 -16.32
N ASN A 145 17.47 -1.95 -15.92
CA ASN A 145 16.34 -2.26 -16.78
C ASN A 145 15.89 -0.97 -17.51
N PHE A 146 16.73 -0.46 -18.41
CA PHE A 146 16.51 0.79 -19.11
C PHE A 146 15.32 0.79 -20.05
N LYS A 147 15.12 -0.32 -20.77
CA LYS A 147 13.97 -0.42 -21.66
C LYS A 147 12.69 -0.51 -20.82
N GLU A 148 12.71 -1.28 -19.72
CA GLU A 148 11.55 -1.37 -18.85
C GLU A 148 11.24 0.01 -18.24
N ALA A 149 12.28 0.81 -17.92
CA ALA A 149 12.07 2.16 -17.37
C ALA A 149 11.31 3.03 -18.38
N GLU A 150 11.67 2.93 -19.65
CA GLU A 150 10.98 3.66 -20.72
C GLU A 150 9.51 3.18 -20.85
N GLU A 151 9.27 1.87 -20.70
CA GLU A 151 7.91 1.34 -20.83
C GLU A 151 7.01 1.76 -19.67
N VAL A 152 7.56 1.75 -18.44
CA VAL A 152 6.84 2.25 -17.26
C VAL A 152 6.53 3.75 -17.46
N PHE A 153 7.53 4.52 -17.94
CA PHE A 153 7.33 5.95 -18.23
C PHE A 153 6.14 6.17 -19.18
N GLU A 154 6.05 5.38 -20.26
CA GLU A 154 4.96 5.53 -21.22
C GLU A 154 3.62 5.20 -20.60
N ARG A 155 3.56 4.14 -19.76
CA ARG A 155 2.31 3.76 -19.13
C ARG A 155 1.83 4.82 -18.12
N ILE A 156 2.77 5.40 -17.37
CA ILE A 156 2.44 6.40 -16.35
C ILE A 156 2.19 7.82 -16.90
N PHE A 157 3.19 8.38 -17.60
CA PHE A 157 3.28 9.76 -18.06
C PHE A 157 2.58 10.01 -19.38
N GLY A 158 1.29 9.70 -19.43
CA GLY A 158 0.49 9.94 -20.61
N MET A 164 4.54 18.29 -17.80
CA MET A 164 5.64 18.55 -18.74
C MET A 164 7.01 18.71 -18.06
N PRO A 165 7.21 19.56 -17.02
CA PRO A 165 8.55 19.67 -16.41
C PRO A 165 9.12 18.36 -15.84
N PHE A 166 8.39 17.67 -14.93
CA PHE A 166 8.86 16.40 -14.35
C PHE A 166 8.99 15.36 -15.47
N LYS A 167 7.95 15.27 -16.31
CA LYS A 167 7.89 14.35 -17.43
C LYS A 167 9.12 14.43 -18.35
N SER A 168 9.48 15.63 -18.83
CA SER A 168 10.61 15.79 -19.74
CA SER A 168 10.61 15.77 -19.74
C SER A 168 11.95 15.49 -19.07
N LYS A 169 12.07 15.85 -17.78
CA LYS A 169 13.32 15.58 -17.05
C LYS A 169 13.52 14.07 -16.89
N LEU A 170 12.42 13.34 -16.61
CA LEU A 170 12.45 11.90 -16.46
C LEU A 170 12.81 11.21 -17.76
N LEU A 171 12.26 11.67 -18.90
CA LEU A 171 12.59 11.04 -20.18
C LEU A 171 14.08 11.24 -20.51
N MET A 172 14.61 12.44 -20.20
N MET A 172 14.64 12.42 -20.18
CA MET A 172 16.03 12.73 -20.40
CA MET A 172 16.06 12.68 -20.42
C MET A 172 16.90 11.79 -19.53
C MET A 172 16.94 11.83 -19.52
N ILE A 173 16.50 11.58 -18.27
CA ILE A 173 17.23 10.70 -17.37
C ILE A 173 17.23 9.25 -17.91
N ILE A 174 16.05 8.77 -18.37
CA ILE A 174 15.95 7.41 -18.92
C ILE A 174 16.87 7.25 -20.15
N SER A 175 16.84 8.23 -21.05
CA SER A 175 17.64 8.18 -22.26
C SER A 175 19.16 8.23 -22.01
N GLN A 176 19.58 8.86 -20.90
CA GLN A 176 21.00 8.90 -20.55
C GLN A 176 21.48 7.59 -19.86
N LYS A 177 20.57 6.58 -19.66
CA LYS A 177 20.89 5.26 -19.10
C LYS A 177 21.77 5.28 -17.85
N ASP A 178 21.52 6.23 -16.94
CA ASP A 178 22.31 6.35 -15.73
C ASP A 178 21.68 5.46 -14.67
N THR A 179 22.40 4.43 -14.16
CA THR A 179 21.83 3.60 -13.08
C THR A 179 21.48 4.44 -11.82
N PHE A 180 22.02 5.68 -11.71
CA PHE A 180 21.76 6.62 -10.64
C PHE A 180 21.77 8.06 -11.19
N HIS A 181 20.94 8.94 -10.64
CA HIS A 181 20.87 10.35 -11.06
C HIS A 181 20.48 11.24 -9.88
N SER A 182 20.90 12.51 -9.92
CA SER A 182 20.64 13.55 -8.91
C SER A 182 19.16 13.71 -8.56
N PHE A 183 18.28 13.79 -9.56
CA PHE A 183 16.83 13.98 -9.39
C PHE A 183 16.20 12.94 -8.49
N PHE A 184 16.67 11.69 -8.60
CA PHE A 184 16.18 10.58 -7.80
C PHE A 184 16.69 10.65 -6.34
N GLN A 185 17.71 11.49 -6.03
CA GLN A 185 18.18 11.67 -4.66
C GLN A 185 17.24 12.62 -3.91
N HIS A 186 16.66 13.62 -4.61
CA HIS A 186 15.70 14.57 -4.06
C HIS A 186 14.30 13.92 -3.95
N PHE A 187 13.93 13.08 -4.92
CA PHE A 187 12.63 12.41 -4.89
C PHE A 187 12.93 10.94 -4.78
N SER A 188 13.57 10.60 -3.67
CA SER A 188 14.11 9.30 -3.36
C SER A 188 13.11 8.26 -2.87
N TYR A 189 13.54 6.98 -2.83
CA TYR A 189 12.70 5.90 -2.32
C TYR A 189 12.43 6.14 -0.83
N ASN A 190 13.46 6.60 -0.08
CA ASN A 190 13.29 6.89 1.35
C ASN A 190 12.29 8.02 1.53
N HIS A 191 12.33 9.07 0.69
CA HIS A 191 11.38 10.18 0.78
CA HIS A 191 11.40 10.21 0.71
C HIS A 191 9.97 9.67 0.50
N MET A 192 9.79 8.79 -0.48
CA MET A 192 8.49 8.18 -0.76
C MET A 192 7.98 7.42 0.49
N MET A 193 8.85 6.58 1.07
CA MET A 193 8.49 5.80 2.26
C MET A 193 8.09 6.71 3.43
N GLU A 194 8.84 7.79 3.67
CA GLU A 194 8.50 8.71 4.78
C GLU A 194 7.16 9.37 4.56
N LYS A 195 6.87 9.81 3.33
CA LYS A 195 5.57 10.43 3.03
C LYS A 195 4.44 9.42 3.22
N ILE A 196 4.64 8.20 2.72
CA ILE A 196 3.63 7.15 2.93
C ILE A 196 3.46 6.85 4.44
N LYS A 197 4.56 6.79 5.21
CA LYS A 197 4.48 6.54 6.67
C LYS A 197 3.65 7.64 7.35
N SER A 198 3.70 8.88 6.84
CA SER A 198 2.88 9.97 7.37
CA SER A 198 2.89 9.97 7.39
C SER A 198 1.39 9.64 7.16
N TYR A 199 1.05 9.12 5.96
CA TYR A 199 -0.33 8.73 5.69
C TYR A 199 -0.73 7.50 6.56
N VAL A 200 0.19 6.55 6.73
CA VAL A 200 -0.07 5.36 7.56
C VAL A 200 -0.35 5.74 9.00
N ASN A 201 0.34 6.76 9.53
CA ASN A 201 0.07 7.23 10.88
C ASN A 201 -1.39 7.73 11.02
N TYR A 202 -1.91 8.37 9.97
CA TYR A 202 -3.29 8.84 9.97
C TYR A 202 -4.23 7.62 9.99
N VAL A 203 -3.96 6.60 9.14
CA VAL A 203 -4.77 5.39 9.08
C VAL A 203 -4.74 4.68 10.42
N LEU A 204 -3.56 4.61 11.05
CA LEU A 204 -3.41 3.99 12.37
C LEU A 204 -4.28 4.70 13.40
N SER A 205 -4.25 6.04 13.40
N SER A 205 -4.26 6.04 13.41
CA SER A 205 -5.04 6.79 14.37
CA SER A 205 -5.04 6.81 14.36
C SER A 205 -6.52 6.56 14.15
C SER A 205 -6.53 6.59 14.14
N GLU A 206 -6.95 6.56 12.87
CA GLU A 206 -8.33 6.35 12.47
C GLU A 206 -8.86 4.95 12.83
N LYS A 207 -8.03 3.91 12.68
CA LYS A 207 -8.43 2.52 12.94
C LYS A 207 -8.16 2.00 14.34
N SER A 208 -7.43 2.77 15.18
N SER A 208 -7.46 2.81 15.17
CA SER A 208 -7.11 2.30 16.53
CA SER A 208 -7.11 2.44 16.53
C SER A 208 -8.36 2.11 17.42
C SER A 208 -8.34 2.12 17.37
N SER A 209 -9.48 2.74 17.06
CA SER A 209 -10.72 2.60 17.82
CA SER A 209 -10.70 2.54 17.84
C SER A 209 -11.61 1.45 17.30
N THR A 210 -11.14 0.66 16.32
CA THR A 210 -11.99 -0.41 15.79
C THR A 210 -12.16 -1.50 16.88
N PHE A 211 -13.26 -2.22 16.79
CA PHE A 211 -13.70 -3.13 17.83
C PHE A 211 -12.62 -4.07 18.43
N LEU A 212 -11.98 -4.90 17.60
CA LEU A 212 -11.09 -5.93 18.14
C LEU A 212 -9.88 -5.29 18.85
N MET A 213 -9.28 -4.24 18.27
CA MET A 213 -8.14 -3.59 18.91
C MET A 213 -8.57 -2.90 20.20
N LYS A 214 -9.74 -2.24 20.21
CA LYS A 214 -10.23 -1.58 21.43
C LYS A 214 -10.44 -2.58 22.56
N ALA A 215 -11.11 -3.71 22.24
CA ALA A 215 -11.39 -4.76 23.21
C ALA A 215 -10.09 -5.38 23.76
N ALA A 216 -9.12 -5.67 22.86
CA ALA A 216 -7.84 -6.26 23.29
C ALA A 216 -7.07 -5.27 24.15
N ALA A 217 -7.08 -3.99 23.79
CA ALA A 217 -6.37 -2.97 24.59
C ALA A 217 -6.99 -2.85 25.96
N LYS A 218 -8.32 -2.91 26.06
CA LYS A 218 -9.01 -2.84 27.35
C LYS A 218 -8.62 -4.02 28.26
N VAL A 219 -8.44 -5.22 27.66
CA VAL A 219 -7.99 -6.43 28.39
C VAL A 219 -6.55 -6.21 28.90
N VAL A 220 -5.65 -5.77 28.04
CA VAL A 220 -4.25 -5.58 28.45
C VAL A 220 -4.13 -4.53 29.56
N GLU A 221 -4.84 -3.42 29.41
CA GLU A 221 -4.84 -2.34 30.41
C GLU A 221 -5.43 -2.81 31.74
N SER A 222 -6.47 -3.65 31.70
CA SER A 222 -7.09 -4.17 32.92
C SER A 222 -6.17 -5.10 33.72
N LYS A 223 -5.15 -5.67 33.06
CA LYS A 223 -4.19 -6.56 33.71
C LYS A 223 -3.00 -5.80 34.32
N ARG A 224 -2.91 -4.47 34.13
CA ARG A 224 -1.82 -3.65 34.66
C ARG A 224 -2.07 -3.24 36.13
C4 W0S B . -13.45 -10.64 -1.32
C5 W0S B . -11.65 -9.40 -2.54
C6 W0S B . -11.21 -8.48 -3.48
C7 W0S B . -8.88 -8.86 -3.00
C8 W0S B . -12.15 -7.82 -4.28
N W0S B . -12.71 -11.91 -1.41
C3 W0S B . -12.99 -9.63 -2.36
C2 W0S B . -13.93 -8.98 -3.15
O1 W0S B . -9.90 -8.15 -3.71
O2 W0S B . -11.73 -6.90 -5.21
C9 W0S B . -11.56 -5.57 -4.71
C1 W0S B . -13.51 -8.05 -4.10
O W0S B . -14.33 -7.37 -4.96
C W0S B . -15.72 -7.69 -4.96
C1 EDO C . 7.57 -3.80 5.20
O1 EDO C . 7.92 -3.34 6.48
C2 EDO C . 8.72 -4.52 4.56
O2 EDO C . 8.38 -5.88 4.35
C1 EDO D . 6.35 -7.15 -13.28
O1 EDO D . 7.02 -8.37 -13.10
C2 EDO D . 7.11 -6.36 -14.29
O2 EDO D . 8.40 -6.02 -13.78
C1 EDO E . -11.67 7.57 -5.96
O1 EDO E . -12.13 7.33 -7.27
C2 EDO E . -11.01 8.92 -5.88
O2 EDO E . -11.62 9.70 -4.87
S DMS F . -12.27 -11.33 -7.10
O DMS F . -13.41 -11.75 -6.20
C1 DMS F . -11.70 -12.80 -8.00
C2 DMS F . -10.77 -11.09 -6.11
C1 EDO G . -2.11 -11.94 -9.95
O1 EDO G . -3.21 -11.35 -10.61
C2 EDO G . -1.25 -12.68 -10.93
O2 EDO G . -0.13 -13.24 -10.27
C1 EDO H . -3.93 -8.28 1.41
O1 EDO H . -4.47 -7.86 0.16
C2 EDO H . -2.56 -7.70 1.51
O2 EDO H . -1.81 -8.07 0.36
CA CA I . 9.60 -8.18 -13.80
#